data_5WQ1
#
_entry.id   5WQ1
#
_entity_poly.entity_id   1
_entity_poly.type   'polyribonucleotide'
_entity_poly.pdbx_seq_one_letter_code
;GGACAUCAGAUUUCCUGGUGUCC
;
_entity_poly.pdbx_strand_id   A
#